data_6GZ8
#
_entry.id   6GZ8
#
_cell.length_a   38.360
_cell.length_b   53.601
_cell.length_c   64.861
_cell.angle_alpha   90.00
_cell.angle_beta   90.00
_cell.angle_gamma   90.00
#
_symmetry.space_group_name_H-M   'P 21 21 21'
#
loop_
_entity.id
_entity.type
_entity.pdbx_description
1 polymer 'Spore germination protein GerM'
2 non-polymer 'SODIUM ION'
3 non-polymer 1,2-ETHANEDIOL
4 water water
#
_entity_poly.entity_id   1
_entity_poly.type   'polypeptide(L)'
_entity_poly.pdbx_seq_one_letter_code
;TVMRELYLIDKNGYVVAQTLPLPKSESTAKQALEYLVQGGPVSEILPNGFRAVLPADTTVNVDIKKDGTAIADFSNEFKN
YKKEDEQKIVQSVTWTLTQFSSIDKVKLRINGHELKEMPVGGTPISDDLSRKDGINLE
;
_entity_poly.pdbx_strand_id   A
#
loop_
_chem_comp.id
_chem_comp.type
_chem_comp.name
_chem_comp.formula
EDO non-polymer 1,2-ETHANEDIOL 'C2 H6 O2'
NA non-polymer 'SODIUM ION' 'Na 1'
#
# COMPACT_ATOMS: atom_id res chain seq x y z
N THR A 1 -18.77 8.59 -4.06
CA THR A 1 -17.34 8.27 -4.01
C THR A 1 -16.60 9.41 -3.36
N VAL A 2 -15.32 9.13 -3.02
CA VAL A 2 -14.42 10.02 -2.32
CA VAL A 2 -14.47 10.11 -2.43
C VAL A 2 -13.09 9.98 -3.07
N MET A 3 -12.47 11.13 -3.30
CA MET A 3 -11.17 11.15 -3.96
C MET A 3 -10.08 10.63 -3.01
N ARG A 4 -9.33 9.65 -3.50
CA ARG A 4 -8.22 9.06 -2.74
C ARG A 4 -7.00 8.94 -3.62
N GLU A 5 -5.82 9.07 -3.02
CA GLU A 5 -4.58 8.82 -3.74
C GLU A 5 -4.25 7.34 -3.68
N LEU A 6 -3.91 6.77 -4.83
CA LEU A 6 -3.36 5.43 -4.92
C LEU A 6 -2.03 5.53 -5.63
N TYR A 7 -0.98 4.97 -5.03
CA TYR A 7 0.37 5.06 -5.61
C TYR A 7 0.60 3.82 -6.45
N LEU A 8 0.25 3.96 -7.71
CA LEU A 8 0.23 2.89 -8.68
C LEU A 8 1.49 2.94 -9.54
N ILE A 9 1.71 1.91 -10.39
CA ILE A 9 2.88 1.88 -11.26
C ILE A 9 2.45 2.18 -12.69
N ASP A 10 3.11 3.19 -13.25
CA ASP A 10 2.74 3.70 -14.56
C ASP A 10 3.37 2.90 -15.70
N LYS A 11 3.12 3.34 -16.93
CA LYS A 11 3.59 2.59 -18.11
C LYS A 11 5.09 2.50 -18.21
N ASN A 12 5.81 3.37 -17.51
CA ASN A 12 7.28 3.38 -17.55
C ASN A 12 7.90 2.76 -16.30
N GLY A 13 7.06 2.18 -15.43
CA GLY A 13 7.53 1.50 -14.23
C GLY A 13 7.67 2.37 -13.01
N TYR A 14 7.24 3.63 -13.05
CA TYR A 14 7.39 4.53 -11.92
C TYR A 14 6.20 4.44 -10.99
N VAL A 15 6.45 4.60 -9.70
CA VAL A 15 5.38 4.74 -8.72
C VAL A 15 4.91 6.20 -8.73
N VAL A 16 3.63 6.38 -9.05
CA VAL A 16 3.07 7.70 -9.28
C VAL A 16 1.72 7.80 -8.57
N ALA A 17 1.45 8.92 -7.91
CA ALA A 17 0.13 9.14 -7.33
C ALA A 17 -0.93 9.23 -8.43
N GLN A 18 -2.05 8.55 -8.23
CA GLN A 18 -3.22 8.71 -9.09
C GLN A 18 -4.41 8.91 -8.14
N THR A 19 -5.28 9.82 -8.54
CA THR A 19 -6.47 10.09 -7.76
C THR A 19 -7.61 9.26 -8.31
N LEU A 20 -8.20 8.44 -7.45
CA LEU A 20 -9.29 7.62 -7.92
C LEU A 20 -10.49 7.87 -7.01
N PRO A 21 -11.71 7.67 -7.54
CA PRO A 21 -12.89 7.85 -6.71
C PRO A 21 -13.23 6.50 -6.06
N LEU A 22 -13.09 6.41 -4.75
CA LEU A 22 -13.36 5.16 -4.04
C LEU A 22 -14.69 5.27 -3.32
N PRO A 23 -15.39 4.16 -3.14
CA PRO A 23 -16.62 4.21 -2.37
C PRO A 23 -16.36 4.67 -0.95
N LYS A 24 -17.39 5.21 -0.31
CA LYS A 24 -17.28 5.55 1.09
CA LYS A 24 -17.30 5.55 1.11
C LYS A 24 -16.98 4.31 1.94
N SER A 25 -16.23 4.51 3.01
CA SER A 25 -15.76 3.41 3.85
C SER A 25 -15.58 3.88 5.28
N GLU A 26 -15.79 2.97 6.21
CA GLU A 26 -15.45 3.20 7.62
C GLU A 26 -14.03 2.73 7.97
N SER A 27 -13.28 2.16 7.00
CA SER A 27 -11.90 1.71 7.25
C SER A 27 -11.11 2.16 6.00
N THR A 28 -10.91 3.47 5.90
CA THR A 28 -10.37 4.05 4.68
C THR A 28 -8.90 3.71 4.40
N ALA A 29 -8.08 3.52 5.46
CA ALA A 29 -6.68 3.17 5.23
C ALA A 29 -6.58 1.75 4.67
N LYS A 30 -7.30 0.81 5.28
CA LYS A 30 -7.36 -0.55 4.77
CA LYS A 30 -7.35 -0.55 4.77
C LYS A 30 -7.91 -0.57 3.35
N GLN A 31 -9.00 0.17 3.12
CA GLN A 31 -9.58 0.23 1.79
C GLN A 31 -8.57 0.68 0.75
N ALA A 32 -7.83 1.73 1.02
CA ALA A 32 -6.87 2.23 0.06
C ALA A 32 -5.85 1.15 -0.29
N LEU A 33 -5.35 0.43 0.71
CA LEU A 33 -4.45 -0.69 0.43
C LEU A 33 -5.12 -1.79 -0.38
N GLU A 34 -6.40 -2.07 -0.12
CA GLU A 34 -7.10 -3.07 -0.91
C GLU A 34 -7.15 -2.68 -2.37
N TYR A 35 -7.21 -1.36 -2.67
CA TYR A 35 -7.18 -0.85 -4.02
C TYR A 35 -5.75 -0.76 -4.62
N LEU A 36 -4.71 -1.32 -3.94
CA LEU A 36 -3.41 -1.44 -4.56
C LEU A 36 -3.16 -2.89 -5.00
N VAL A 37 -4.09 -3.80 -4.77
CA VAL A 37 -3.88 -5.23 -4.98
C VAL A 37 -4.22 -5.62 -6.42
N GLN A 38 -3.29 -6.31 -7.08
CA GLN A 38 -3.53 -6.81 -8.44
C GLN A 38 -4.73 -7.74 -8.44
N GLY A 39 -5.62 -7.52 -9.41
CA GLY A 39 -6.80 -8.33 -9.53
C GLY A 39 -7.93 -7.99 -8.58
N GLY A 40 -7.70 -7.01 -7.73
CA GLY A 40 -8.70 -6.57 -6.76
C GLY A 40 -9.60 -5.52 -7.35
N PRO A 41 -10.33 -4.79 -6.51
CA PRO A 41 -11.32 -3.85 -7.04
C PRO A 41 -10.76 -2.71 -7.84
N VAL A 42 -9.48 -2.40 -7.72
CA VAL A 42 -8.92 -1.35 -8.56
C VAL A 42 -8.92 -1.73 -10.05
N SER A 43 -9.01 -3.01 -10.35
CA SER A 43 -8.80 -3.47 -11.72
CA SER A 43 -8.78 -3.44 -11.72
C SER A 43 -9.71 -2.71 -12.70
N GLU A 44 -10.96 -2.48 -12.31
CA GLU A 44 -11.92 -1.85 -13.20
C GLU A 44 -11.74 -0.35 -13.40
N ILE A 45 -10.92 0.26 -12.54
CA ILE A 45 -10.80 1.71 -12.55
C ILE A 45 -9.36 2.16 -12.76
N LEU A 46 -8.44 1.25 -13.09
CA LEU A 46 -7.07 1.66 -13.33
C LEU A 46 -7.00 2.67 -14.47
N PRO A 47 -6.28 3.79 -14.26
CA PRO A 47 -6.08 4.71 -15.35
C PRO A 47 -5.22 4.09 -16.44
N ASN A 48 -5.31 4.66 -17.62
CA ASN A 48 -4.65 4.10 -18.79
C ASN A 48 -3.16 3.93 -18.60
N GLY A 49 -2.69 2.70 -18.83
CA GLY A 49 -1.26 2.39 -18.72
C GLY A 49 -0.78 1.98 -17.33
N PHE A 50 -1.64 2.16 -16.32
CA PHE A 50 -1.24 1.88 -14.94
C PHE A 50 -1.56 0.46 -14.54
N ARG A 51 -0.82 -0.01 -13.51
CA ARG A 51 -1.12 -1.29 -12.93
C ARG A 51 -1.11 -1.17 -11.43
N ALA A 52 -1.75 -2.17 -10.79
CA ALA A 52 -1.72 -2.35 -9.35
C ALA A 52 -0.34 -2.85 -8.93
N VAL A 53 -0.10 -2.83 -7.63
CA VAL A 53 1.25 -3.00 -7.09
C VAL A 53 1.44 -4.22 -6.20
N LEU A 54 0.44 -4.60 -5.42
CA LEU A 54 0.58 -5.70 -4.48
C LEU A 54 0.14 -7.00 -5.14
N PRO A 55 0.73 -8.13 -4.73
CA PRO A 55 0.37 -9.38 -5.37
C PRO A 55 -1.11 -9.73 -5.23
N ALA A 56 -1.62 -10.45 -6.21
CA ALA A 56 -2.97 -10.95 -6.15
C ALA A 56 -3.22 -11.70 -4.86
N ASP A 57 -4.47 -11.56 -4.36
CA ASP A 57 -4.90 -12.23 -3.17
C ASP A 57 -4.24 -11.77 -1.88
N THR A 58 -3.48 -10.68 -1.89
CA THR A 58 -2.99 -10.09 -0.68
C THR A 58 -4.16 -9.49 0.09
N THR A 59 -4.19 -9.76 1.40
CA THR A 59 -5.11 -9.07 2.31
C THR A 59 -4.27 -8.39 3.39
N VAL A 60 -4.92 -7.49 4.14
CA VAL A 60 -4.20 -6.70 5.11
C VAL A 60 -5.06 -6.27 6.27
N ASN A 61 -4.42 -6.12 7.42
CA ASN A 61 -5.02 -5.47 8.59
C ASN A 61 -4.25 -4.19 8.81
N VAL A 62 -4.97 -3.08 9.01
CA VAL A 62 -4.34 -1.82 9.33
C VAL A 62 -4.77 -1.39 10.73
N ASP A 63 -3.80 -1.24 11.62
CA ASP A 63 -4.04 -0.79 12.99
C ASP A 63 -3.37 0.57 13.14
N ILE A 64 -4.19 1.61 13.31
CA ILE A 64 -3.69 2.96 13.44
C ILE A 64 -3.51 3.31 14.91
N LYS A 65 -2.27 3.60 15.29
CA LYS A 65 -1.91 3.94 16.67
C LYS A 65 -2.03 5.43 16.91
N LYS A 66 -2.07 5.80 18.19
CA LYS A 66 -2.27 7.19 18.59
C LYS A 66 -1.08 8.09 18.24
N ASP A 67 0.09 7.50 18.05
CA ASP A 67 1.27 8.26 17.67
C ASP A 67 1.36 8.52 16.16
N GLY A 68 0.33 8.23 15.34
CA GLY A 68 0.41 8.40 13.91
C GLY A 68 0.97 7.21 13.12
N THR A 69 1.41 6.12 13.80
CA THR A 69 1.89 4.98 13.10
C THR A 69 0.75 4.07 12.66
N ALA A 70 0.72 3.74 11.39
CA ALA A 70 -0.18 2.68 10.92
C ALA A 70 0.63 1.40 10.80
N ILE A 71 0.21 0.36 11.49
CA ILE A 71 0.78 -0.97 11.35
C ILE A 71 -0.02 -1.71 10.28
N ALA A 72 0.63 -1.98 9.16
CA ALA A 72 0.02 -2.67 8.04
C ALA A 72 0.57 -4.10 8.04
N ASP A 73 -0.29 -5.04 8.39
CA ASP A 73 0.10 -6.44 8.57
C ASP A 73 -0.55 -7.26 7.47
N PHE A 74 0.29 -7.70 6.54
CA PHE A 74 -0.15 -8.35 5.30
C PHE A 74 -0.24 -9.86 5.43
N SER A 75 -1.08 -10.44 4.57
CA SER A 75 -1.14 -11.88 4.42
C SER A 75 0.07 -12.42 3.68
N ASN A 76 0.15 -13.75 3.64
CA ASN A 76 1.34 -14.40 3.13
C ASN A 76 1.56 -14.16 1.64
N GLU A 77 0.47 -13.87 0.92
CA GLU A 77 0.57 -13.56 -0.49
C GLU A 77 1.40 -12.31 -0.77
N PHE A 78 1.55 -11.46 0.23
CA PHE A 78 2.33 -10.24 0.05
C PHE A 78 3.77 -10.55 -0.36
N LYS A 79 4.24 -11.76 -0.05
CA LYS A 79 5.60 -12.16 -0.42
C LYS A 79 5.74 -12.47 -1.90
N ASN A 80 4.68 -12.43 -2.69
CA ASN A 80 4.71 -12.92 -4.06
C ASN A 80 5.00 -11.85 -5.10
N TYR A 81 5.82 -10.87 -4.78
CA TYR A 81 6.15 -9.80 -5.71
C TYR A 81 7.52 -10.04 -6.37
N LYS A 82 7.75 -9.27 -7.43
CA LYS A 82 9.01 -9.30 -8.14
C LYS A 82 10.07 -8.58 -7.31
N LYS A 83 11.24 -9.21 -7.16
CA LYS A 83 12.33 -8.66 -6.37
C LYS A 83 12.56 -7.17 -6.62
N GLU A 84 12.68 -6.78 -7.89
CA GLU A 84 13.11 -5.44 -8.21
C GLU A 84 12.02 -4.38 -7.96
N ASP A 85 10.80 -4.82 -7.61
CA ASP A 85 9.74 -3.88 -7.22
C ASP A 85 9.76 -3.66 -5.70
N GLU A 86 10.73 -4.21 -4.97
CA GLU A 86 10.63 -4.24 -3.50
C GLU A 86 10.49 -2.83 -2.90
N GLN A 87 11.40 -1.94 -3.25
CA GLN A 87 11.33 -0.58 -2.72
C GLN A 87 10.11 0.20 -3.24
N LYS A 88 9.73 -0.04 -4.49
CA LYS A 88 8.50 0.60 -5.02
C LYS A 88 7.28 0.20 -4.20
N ILE A 89 7.24 -1.06 -3.76
CA ILE A 89 6.13 -1.51 -2.96
C ILE A 89 6.13 -0.83 -1.58
N VAL A 90 7.30 -0.73 -0.95
CA VAL A 90 7.39 -0.04 0.33
C VAL A 90 6.91 1.40 0.15
N GLN A 91 7.37 2.06 -0.92
CA GLN A 91 6.96 3.44 -1.17
CA GLN A 91 6.99 3.45 -1.20
C GLN A 91 5.50 3.57 -1.42
N SER A 92 4.95 2.69 -2.26
CA SER A 92 3.52 2.76 -2.56
C SER A 92 2.69 2.63 -1.29
N VAL A 93 2.98 1.63 -0.48
CA VAL A 93 2.23 1.40 0.75
C VAL A 93 2.37 2.61 1.68
N THR A 94 3.59 3.12 1.82
CA THR A 94 3.86 4.23 2.72
C THR A 94 3.11 5.49 2.28
N TRP A 95 3.22 5.84 1.01
CA TRP A 95 2.60 7.07 0.53
C TRP A 95 1.09 6.94 0.52
N THR A 96 0.57 5.75 0.20
CA THR A 96 -0.87 5.56 0.21
C THR A 96 -1.44 5.71 1.62
N LEU A 97 -0.76 5.14 2.62
CA LEU A 97 -1.27 5.24 3.99
C LEU A 97 -1.16 6.64 4.56
N THR A 98 -0.06 7.33 4.29
CA THR A 98 0.21 8.59 4.94
C THR A 98 -0.61 9.75 4.34
N GLN A 99 -1.40 9.51 3.31
CA GLN A 99 -2.34 10.56 2.88
C GLN A 99 -3.35 10.89 3.98
N PHE A 100 -3.66 9.93 4.83
CA PHE A 100 -4.73 10.10 5.80
C PHE A 100 -4.32 10.95 6.97
N SER A 101 -5.28 11.67 7.53
CA SER A 101 -5.01 12.63 8.59
C SER A 101 -4.42 12.01 9.84
N SER A 102 -4.75 10.75 10.10
CA SER A 102 -4.33 10.10 11.33
C SER A 102 -3.06 9.25 11.18
N ILE A 103 -2.43 9.29 10.00
CA ILE A 103 -1.27 8.44 9.74
C ILE A 103 -0.13 9.30 9.21
N ASP A 104 0.99 9.33 9.93
CA ASP A 104 2.19 9.97 9.42
C ASP A 104 3.38 9.06 9.22
N LYS A 105 3.26 7.80 9.61
CA LYS A 105 4.38 6.87 9.43
C LYS A 105 3.80 5.45 9.44
N VAL A 106 4.61 4.49 8.98
CA VAL A 106 4.11 3.15 8.71
C VAL A 106 5.11 2.13 9.26
N LYS A 107 4.57 1.04 9.81
CA LYS A 107 5.34 -0.14 10.18
C LYS A 107 4.71 -1.31 9.45
N LEU A 108 5.54 -2.17 8.86
CA LEU A 108 5.07 -3.33 8.10
C LEU A 108 5.23 -4.61 8.90
N ARG A 109 4.23 -5.48 8.76
CA ARG A 109 4.31 -6.85 9.25
C ARG A 109 3.80 -7.79 8.16
N ILE A 110 4.23 -9.04 8.25
CA ILE A 110 3.66 -10.08 7.41
C ILE A 110 3.29 -11.24 8.31
N ASN A 111 2.05 -11.71 8.25
CA ASN A 111 1.59 -12.80 9.11
C ASN A 111 1.83 -12.51 10.59
N GLY A 112 1.73 -11.25 10.98
CA GLY A 112 1.96 -10.87 12.37
C GLY A 112 3.40 -10.82 12.84
N HIS A 113 4.36 -11.08 11.93
CA HIS A 113 5.77 -10.97 12.24
C HIS A 113 6.25 -9.56 11.94
N GLU A 114 7.06 -9.00 12.82
CA GLU A 114 7.66 -7.70 12.50
C GLU A 114 8.69 -7.81 11.35
N LEU A 115 8.71 -6.86 10.39
CA LEU A 115 9.67 -6.86 9.27
C LEU A 115 10.83 -5.89 9.53
N LYS A 116 12.07 -6.44 9.68
CA LYS A 116 13.40 -5.73 9.68
C LYS A 116 13.84 -5.56 8.20
N GLU A 117 13.41 -6.47 7.29
CA GLU A 117 13.77 -6.45 5.91
C GLU A 117 12.57 -6.92 5.12
N MET A 118 12.48 -6.46 3.88
CA MET A 118 11.46 -6.98 3.00
C MET A 118 11.85 -8.41 2.60
N PRO A 119 10.84 -9.27 2.36
CA PRO A 119 11.13 -10.72 2.26
C PRO A 119 11.84 -11.23 1.01
N VAL A 120 11.50 -10.69 -0.13
CA VAL A 120 12.05 -11.25 -1.36
C VAL A 120 13.51 -10.95 -1.62
N GLY A 121 13.85 -9.68 -1.46
CA GLY A 121 15.18 -9.21 -1.75
C GLY A 121 15.97 -8.74 -0.54
N GLY A 122 15.39 -8.65 0.65
CA GLY A 122 16.11 -8.25 1.84
C GLY A 122 16.30 -6.76 2.06
N THR A 123 15.58 -5.91 1.33
CA THR A 123 15.72 -4.46 1.52
C THR A 123 15.47 -4.14 2.99
N PRO A 124 16.41 -3.46 3.66
CA PRO A 124 16.13 -3.08 5.06
C PRO A 124 14.99 -2.08 5.16
N ILE A 125 14.15 -2.22 6.18
CA ILE A 125 13.05 -1.27 6.41
C ILE A 125 12.97 -0.94 7.90
N SER A 126 12.65 0.32 8.18
CA SER A 126 12.47 0.80 9.54
C SER A 126 11.01 0.71 9.96
N ASP A 127 10.73 1.02 11.23
CA ASP A 127 9.39 0.97 11.76
C ASP A 127 8.68 2.33 11.72
N ASP A 128 9.31 3.28 11.02
CA ASP A 128 8.78 4.63 10.91
C ASP A 128 8.94 5.11 9.47
N LEU A 129 8.56 4.24 8.53
CA LEU A 129 8.57 4.57 7.09
C LEU A 129 7.72 5.82 6.93
N SER A 130 8.16 6.77 6.14
CA SER A 130 7.38 7.97 5.94
C SER A 130 7.71 8.56 4.58
N ARG A 131 7.02 9.64 4.23
CA ARG A 131 7.24 10.27 2.94
C ARG A 131 8.62 10.91 2.84
N LYS A 132 9.24 11.14 3.98
CA LYS A 132 10.63 11.61 4.00
C LYS A 132 11.61 10.66 3.33
N ASP A 133 11.29 9.36 3.32
CA ASP A 133 12.14 8.34 2.70
C ASP A 133 12.24 8.52 1.19
NA NA B . -0.98 11.81 7.05
NA NA C . 11.37 2.26 -14.84
NA NA D . -18.96 1.19 2.86
NA NA E . -16.75 0.65 0.78
NA NA F . -11.72 5.20 8.12
NA NA G . -0.05 -10.91 -8.57
NA NA H . 0.86 5.15 -17.47
NA NA I . 2.82 8.70 -15.04
NA NA J . -3.17 8.36 14.80
NA NA K . -13.15 6.03 0.87
NA NA L . 16.42 -10.87 -10.47
C1 EDO M . -3.65 -11.82 7.88
O1 EDO M . -3.69 -12.14 9.28
C2 EDO M . -3.77 -10.32 7.80
O2 EDO M . -2.80 -9.67 8.57
H11 EDO M . -2.71 -12.15 7.44
H12 EDO M . -4.48 -12.30 7.36
HO1 EDO M . -3.61 -13.10 9.42
H21 EDO M . -3.67 -10.01 6.76
H22 EDO M . -4.76 -10.02 8.15
HO2 EDO M . -2.09 -10.31 8.80
#